data_3ABX
#
_entry.id   3ABX
#
_cell.length_a   43.876
_cell.length_b   45.153
_cell.length_c   48.989
_cell.angle_alpha   77.63
_cell.angle_beta   86.87
_cell.angle_gamma   68.80
#
_symmetry.space_group_name_H-M   'P 1'
#
loop_
_entity.id
_entity.type
_entity.pdbx_description
1 polymer Cellobiohydrolase
2 non-polymer 'MAGNESIUM ION'
3 non-polymer '4-nitrophenyl beta-D-glucopyranosyl-(1->4)-beta-D-glucopyranosyl-(1->4)-beta-D-glucopyranoside'
4 water water
#
_entity_poly.entity_id   1
_entity_poly.type   'polypeptide(L)'
_entity_poly.pdbx_seq_one_letter_code
;APSASFERRQGSVNPYIGRSPLVIKSYAEKLEETIAYFEAQGDELNAARTRTVQGIPTFAWISDSATIDTIQPLIADAVA
HQEASGEQVLVQLVIYNLPDRDCAAKASDGEFHLDDDGANKYRAYVDRIVAELSTADADKLHFSIVLEPDSLGNMVTNMH
VPKCQGAATAYKEGIAYTIASLQKPNIDLYIDAAHGGWLGWNDNLRPSAEIFKETLDLARQITPNATVRGLAINVSNYNP
YKTRAREDYTEWNNAYDEWNYVKTLTPHLQAVGFPAQFIVDQGRSGREGIRTEWGQWCNIRNAGFGIRPTTDQAIVDSAN
VDAIVWVKPGGESDGTSDVNAVRFDENCRSPASHVPAPEAGEWFNEFVVNLVINANPPLEPTYAAAALEHHHHHH
;
_entity_poly.pdbx_strand_id   A
#
# COMPACT_ATOMS: atom_id res chain seq x y z
N VAL A 13 19.10 7.55 -5.64
CA VAL A 13 18.89 8.47 -4.49
C VAL A 13 17.50 8.23 -3.89
N ASN A 14 17.35 8.51 -2.60
CA ASN A 14 16.05 8.43 -1.92
C ASN A 14 15.12 9.52 -2.46
N PRO A 15 14.12 9.12 -3.28
CA PRO A 15 13.30 10.12 -3.96
C PRO A 15 12.39 10.89 -3.04
N TYR A 16 12.23 10.41 -1.80
CA TYR A 16 11.39 11.09 -0.82
C TYR A 16 12.05 12.30 -0.19
N ILE A 17 13.38 12.39 -0.24
CA ILE A 17 14.04 13.47 0.49
C ILE A 17 13.77 14.81 -0.18
N GLY A 18 13.21 15.73 0.58
CA GLY A 18 12.92 17.07 0.07
C GLY A 18 11.63 17.18 -0.71
N ARG A 19 11.02 16.03 -1.02
CA ARG A 19 9.81 16.03 -1.82
C ARG A 19 8.54 16.10 -0.97
N SER A 20 7.46 16.55 -1.59
CA SER A 20 6.16 16.69 -0.91
C SER A 20 5.17 15.73 -1.56
N PRO A 21 4.97 14.55 -0.93
CA PRO A 21 4.03 13.60 -1.50
C PRO A 21 2.63 14.21 -1.64
N LEU A 22 1.95 13.86 -2.72
CA LEU A 22 0.72 14.52 -3.08
C LEU A 22 -0.44 14.17 -2.16
N VAL A 23 -1.13 15.19 -1.66
CA VAL A 23 -2.38 14.99 -0.97
C VAL A 23 -3.44 14.67 -2.02
N ILE A 24 -4.15 13.55 -1.84
CA ILE A 24 -5.16 13.10 -2.80
C ILE A 24 -6.48 13.79 -2.46
N LYS A 25 -6.86 14.76 -3.29
CA LYS A 25 -8.02 15.60 -3.08
C LYS A 25 -9.32 14.81 -2.86
N SER A 26 -9.51 13.75 -3.66
CA SER A 26 -10.74 12.94 -3.56
C SER A 26 -10.81 12.22 -2.20
N TYR A 27 -9.64 11.87 -1.65
CA TYR A 27 -9.61 11.25 -0.33
C TYR A 27 -9.90 12.27 0.77
N ALA A 28 -9.23 13.42 0.71
CA ALA A 28 -9.44 14.49 1.67
C ALA A 28 -10.91 14.93 1.75
N GLU A 29 -11.60 14.90 0.62
CA GLU A 29 -13.01 15.28 0.56
C GLU A 29 -13.90 14.30 1.33
N LYS A 30 -13.54 13.02 1.30
CA LYS A 30 -14.29 12.00 2.03
C LYS A 30 -14.25 12.27 3.53
N LEU A 31 -13.15 12.83 4.01
CA LEU A 31 -12.98 13.12 5.43
C LEU A 31 -13.86 14.26 5.95
N GLU A 32 -14.51 15.01 5.06
CA GLU A 32 -15.47 16.02 5.49
C GLU A 32 -16.60 15.40 6.32
N GLU A 33 -16.97 14.17 6.00
CA GLU A 33 -17.99 13.44 6.74
C GLU A 33 -17.52 13.15 8.16
N THR A 34 -16.23 12.90 8.33
CA THR A 34 -15.68 12.60 9.65
C THR A 34 -15.59 13.88 10.48
N ILE A 35 -15.20 14.97 9.84
CA ILE A 35 -15.18 16.28 10.49
C ILE A 35 -16.59 16.65 10.96
N ALA A 36 -17.58 16.47 10.10
CA ALA A 36 -18.99 16.74 10.46
C ALA A 36 -19.43 15.93 11.68
N TYR A 37 -19.11 14.63 11.69
CA TYR A 37 -19.42 13.79 12.82
C TYR A 37 -18.86 14.37 14.13
N PHE A 38 -17.57 14.70 14.14
CA PHE A 38 -16.95 15.21 15.36
C PHE A 38 -17.53 16.56 15.79
N GLU A 39 -17.81 17.44 14.84
CA GLU A 39 -18.42 18.74 15.15
C GLU A 39 -19.78 18.56 15.80
N ALA A 40 -20.57 17.61 15.28
CA ALA A 40 -21.87 17.25 15.85
C ALA A 40 -21.78 16.68 17.26
N GLN A 41 -20.64 16.10 17.60
CA GLN A 41 -20.40 15.55 18.95
C GLN A 41 -19.91 16.62 19.92
N GLY A 42 -19.68 17.83 19.41
CA GLY A 42 -19.08 18.91 20.19
C GLY A 42 -17.61 18.62 20.51
N ASP A 43 -16.96 17.94 19.57
CA ASP A 43 -15.58 17.48 19.75
C ASP A 43 -14.68 18.22 18.75
N GLU A 44 -14.28 19.43 19.13
CA GLU A 44 -13.49 20.28 18.26
C GLU A 44 -12.06 19.78 18.08
N LEU A 45 -11.50 19.15 19.11
CA LEU A 45 -10.13 18.62 18.98
C LEU A 45 -10.07 17.53 17.91
N ASN A 46 -11.00 16.58 17.96
CA ASN A 46 -10.96 15.51 16.96
C ASN A 46 -11.38 15.98 15.58
N ALA A 47 -12.28 16.96 15.52
CA ALA A 47 -12.55 17.64 14.23
C ALA A 47 -11.25 18.23 13.67
N ALA A 48 -10.47 18.91 14.51
CA ALA A 48 -9.21 19.52 14.08
C ALA A 48 -8.14 18.50 13.72
N ARG A 49 -8.13 17.36 14.41
CA ARG A 49 -7.22 16.27 14.09
C ARG A 49 -7.56 15.68 12.73
N THR A 50 -8.85 15.61 12.44
CA THR A 50 -9.29 15.12 11.14
C THR A 50 -8.85 16.07 10.03
N ARG A 51 -8.92 17.38 10.30
CA ARG A 51 -8.40 18.34 9.35
CA ARG A 51 -8.37 18.40 9.40
C ARG A 51 -6.90 18.10 9.12
N THR A 52 -6.16 17.75 10.17
CA THR A 52 -4.76 17.38 9.98
C THR A 52 -4.65 16.22 9.00
N VAL A 53 -5.51 15.21 9.18
CA VAL A 53 -5.49 14.02 8.31
C VAL A 53 -5.78 14.41 6.84
N GLN A 54 -6.63 15.40 6.62
CA GLN A 54 -6.88 15.88 5.25
C GLN A 54 -5.62 16.34 4.54
N GLY A 55 -4.65 16.82 5.30
CA GLY A 55 -3.39 17.31 4.74
C GLY A 55 -2.25 16.28 4.70
N ILE A 56 -2.54 15.04 5.08
CA ILE A 56 -1.54 13.97 5.07
C ILE A 56 -1.64 13.17 3.75
N PRO A 57 -0.51 13.05 3.03
CA PRO A 57 -0.58 12.37 1.73
C PRO A 57 -0.83 10.88 1.87
N THR A 58 -1.53 10.35 0.88
CA THR A 58 -1.82 8.92 0.80
C THR A 58 -1.55 8.48 -0.64
N PHE A 59 -1.52 7.18 -0.87
CA PHE A 59 -1.37 6.65 -2.25
C PHE A 59 -2.70 6.62 -2.99
N ALA A 60 -2.67 6.95 -4.28
CA ALA A 60 -3.81 6.75 -5.17
C ALA A 60 -3.72 5.35 -5.79
N TRP A 61 -4.78 4.57 -5.64
CA TRP A 61 -4.80 3.21 -6.12
C TRP A 61 -5.40 3.10 -7.50
N ILE A 62 -4.69 2.41 -8.38
CA ILE A 62 -5.19 2.11 -9.71
C ILE A 62 -5.49 0.62 -9.76
N SER A 63 -6.66 0.23 -9.24
CA SER A 63 -6.98 -1.19 -9.02
C SER A 63 -7.85 -1.79 -10.11
N ASP A 64 -8.13 -1.00 -11.14
CA ASP A 64 -8.89 -1.44 -12.31
C ASP A 64 -8.60 -0.47 -13.46
N SER A 65 -9.04 -0.83 -14.67
CA SER A 65 -8.78 -0.01 -15.84
C SER A 65 -9.56 1.30 -15.83
N ALA A 66 -10.79 1.27 -15.34
CA ALA A 66 -11.59 2.50 -15.28
C ALA A 66 -10.87 3.60 -14.50
N THR A 67 -10.17 3.22 -13.44
CA THR A 67 -9.50 4.19 -12.60
C THR A 67 -8.34 4.90 -13.31
N ILE A 68 -7.90 4.36 -14.44
CA ILE A 68 -6.92 5.06 -15.25
C ILE A 68 -7.43 6.45 -15.67
N ASP A 69 -8.75 6.58 -15.83
CA ASP A 69 -9.36 7.87 -16.19
C ASP A 69 -9.10 8.96 -15.14
N THR A 70 -8.76 8.57 -13.92
CA THR A 70 -8.52 9.55 -12.85
C THR A 70 -7.12 10.13 -12.87
N ILE A 71 -6.22 9.49 -13.63
CA ILE A 71 -4.81 9.82 -13.52
C ILE A 71 -4.48 11.18 -14.11
N GLN A 72 -4.96 11.48 -15.31
CA GLN A 72 -4.61 12.77 -15.88
C GLN A 72 -5.18 13.95 -15.08
N PRO A 73 -6.46 13.89 -14.64
CA PRO A 73 -6.90 14.96 -13.74
C PRO A 73 -6.08 15.07 -12.45
N LEU A 74 -5.63 13.94 -11.92
CA LEU A 74 -4.78 13.96 -10.72
C LEU A 74 -3.45 14.66 -11.02
N ILE A 75 -2.85 14.33 -12.16
CA ILE A 75 -1.62 14.96 -12.62
C ILE A 75 -1.80 16.47 -12.86
N ALA A 76 -2.86 16.85 -13.55
CA ALA A 76 -3.15 18.26 -13.77
C ALA A 76 -3.26 19.03 -12.45
N ASP A 77 -3.99 18.47 -11.48
CA ASP A 77 -4.11 19.06 -10.13
C ASP A 77 -2.75 19.13 -9.47
N ALA A 78 -1.95 18.09 -9.63
CA ALA A 78 -0.63 18.03 -9.00
C ALA A 78 0.30 19.08 -9.58
N VAL A 79 0.25 19.29 -10.88
CA VAL A 79 1.05 20.32 -11.51
C VAL A 79 0.60 21.71 -11.03
N ALA A 80 -0.70 21.97 -10.98
CA ALA A 80 -1.17 23.26 -10.50
C ALA A 80 -0.70 23.49 -9.06
N HIS A 81 -0.79 22.46 -8.23
CA HIS A 81 -0.33 22.56 -6.85
C HIS A 81 1.17 22.82 -6.78
N GLN A 82 1.95 22.12 -7.61
CA GLN A 82 3.39 22.36 -7.67
C GLN A 82 3.71 23.83 -8.04
N GLU A 83 3.02 24.34 -9.06
CA GLU A 83 3.20 25.74 -9.46
C GLU A 83 2.81 26.69 -8.33
N ALA A 84 1.66 26.46 -7.72
CA ALA A 84 1.17 27.34 -6.65
C ALA A 84 2.09 27.35 -5.43
N SER A 85 2.54 26.16 -5.02
CA SER A 85 3.20 25.98 -3.72
C SER A 85 4.72 26.09 -3.78
N GLY A 86 5.30 25.88 -4.95
CA GLY A 86 6.75 25.75 -5.08
C GLY A 86 7.33 24.46 -4.52
N GLU A 87 6.47 23.49 -4.22
CA GLU A 87 6.90 22.19 -3.70
C GLU A 87 7.46 21.29 -4.81
N GLN A 88 8.18 20.24 -4.43
CA GLN A 88 8.52 19.17 -5.38
C GLN A 88 7.52 18.06 -5.19
N VAL A 89 6.49 18.08 -6.02
CA VAL A 89 5.35 17.18 -5.82
C VAL A 89 5.71 15.75 -6.22
N LEU A 90 5.45 14.84 -5.30
CA LEU A 90 5.71 13.42 -5.50
C LEU A 90 4.38 12.66 -5.51
N VAL A 91 3.96 12.25 -6.70
CA VAL A 91 2.67 11.56 -6.89
C VAL A 91 2.87 10.09 -6.53
N GLN A 92 2.05 9.57 -5.62
CA GLN A 92 2.19 8.20 -5.15
C GLN A 92 1.04 7.36 -5.68
N LEU A 93 1.40 6.29 -6.40
CA LEU A 93 0.43 5.44 -7.08
C LEU A 93 0.63 3.98 -6.71
N VAL A 94 -0.47 3.21 -6.71
CA VAL A 94 -0.38 1.74 -6.62
C VAL A 94 -0.94 1.13 -7.90
N ILE A 95 -0.17 0.24 -8.50
CA ILE A 95 -0.63 -0.53 -9.66
C ILE A 95 -1.05 -1.89 -9.12
N TYR A 96 -2.32 -2.23 -9.30
CA TYR A 96 -2.89 -3.42 -8.65
C TYR A 96 -3.93 -4.09 -9.56
N ASN A 97 -3.45 -4.83 -10.57
CA ASN A 97 -4.39 -5.44 -11.50
C ASN A 97 -3.84 -6.66 -12.23
N LEU A 98 -2.94 -7.43 -11.62
CA LEU A 98 -2.40 -8.62 -12.29
C LEU A 98 -3.52 -9.58 -12.70
N PRO A 99 -3.31 -10.31 -13.80
CA PRO A 99 -4.28 -11.33 -14.18
C PRO A 99 -4.26 -12.46 -13.14
N ASP A 100 -5.42 -13.05 -12.90
CA ASP A 100 -5.60 -14.04 -11.82
C ASP A 100 -5.08 -13.47 -10.49
N ARG A 101 -5.41 -12.20 -10.28
CA ARG A 101 -5.05 -11.44 -9.08
C ARG A 101 -5.46 -12.17 -7.82
N ASP A 102 -4.68 -11.99 -6.76
CA ASP A 102 -5.02 -12.52 -5.43
C ASP A 102 -5.25 -14.05 -5.48
N CYS A 103 -4.29 -14.78 -6.04
CA CYS A 103 -4.51 -16.20 -6.38
C CYS A 103 -4.92 -17.12 -5.22
N ALA A 104 -4.49 -16.79 -4.00
CA ALA A 104 -4.79 -17.64 -2.83
C ALA A 104 -6.11 -17.28 -2.14
N ALA A 105 -6.74 -16.18 -2.55
CA ALA A 105 -8.02 -15.76 -2.00
C ALA A 105 -9.17 -16.58 -2.57
N LYS A 106 -10.21 -16.77 -1.79
CA LYS A 106 -11.41 -17.46 -2.27
C LYS A 106 -12.04 -16.68 -3.43
N ALA A 107 -11.94 -15.37 -3.40
CA ALA A 107 -12.51 -14.55 -4.46
C ALA A 107 -11.61 -13.36 -4.71
N SER A 108 -11.60 -12.90 -5.95
CA SER A 108 -10.89 -11.67 -6.30
C SER A 108 -11.74 -10.81 -7.21
N ASP A 109 -11.65 -9.49 -6.96
CA ASP A 109 -12.33 -8.54 -7.81
CA ASP A 109 -12.28 -8.44 -7.76
C ASP A 109 -11.47 -8.12 -9.01
N GLY A 110 -10.24 -8.65 -9.09
CA GLY A 110 -9.37 -8.31 -10.21
C GLY A 110 -10.07 -8.60 -11.53
N GLU A 111 -10.02 -7.66 -12.47
CA GLU A 111 -10.83 -7.81 -13.68
C GLU A 111 -10.18 -8.66 -14.78
N PHE A 112 -8.91 -9.05 -14.62
CA PHE A 112 -8.23 -9.82 -15.68
C PHE A 112 -8.02 -11.25 -15.28
N HIS A 113 -8.29 -12.16 -16.20
CA HIS A 113 -8.14 -13.59 -15.95
C HIS A 113 -7.32 -14.23 -17.04
N LEU A 114 -6.38 -15.08 -16.64
CA LEU A 114 -5.48 -15.69 -17.61
C LEU A 114 -6.22 -16.42 -18.72
N ASP A 115 -7.34 -17.07 -18.38
CA ASP A 115 -8.09 -17.80 -19.41
C ASP A 115 -8.94 -16.91 -20.32
N ASP A 116 -8.95 -15.61 -20.06
CA ASP A 116 -9.61 -14.65 -20.94
C ASP A 116 -8.63 -13.56 -21.39
N ASP A 117 -7.51 -14.01 -21.94
CA ASP A 117 -6.48 -13.13 -22.50
C ASP A 117 -5.91 -12.14 -21.47
N GLY A 118 -5.87 -12.56 -20.21
CA GLY A 118 -5.53 -11.67 -19.09
C GLY A 118 -4.11 -11.15 -19.17
N ALA A 119 -3.15 -11.95 -19.61
CA ALA A 119 -1.76 -11.46 -19.68
C ALA A 119 -1.60 -10.29 -20.64
N ASN A 120 -2.19 -10.43 -21.83
CA ASN A 120 -2.15 -9.37 -22.84
C ASN A 120 -2.94 -8.16 -22.40
N LYS A 121 -4.08 -8.39 -21.76
CA LYS A 121 -4.90 -7.29 -21.26
C LYS A 121 -4.18 -6.52 -20.14
N TYR A 122 -3.42 -7.24 -19.32
CA TYR A 122 -2.63 -6.56 -18.29
C TYR A 122 -1.55 -5.69 -18.92
N ARG A 123 -0.86 -6.22 -19.93
CA ARG A 123 0.11 -5.37 -20.64
C ARG A 123 -0.53 -4.09 -21.17
N ALA A 124 -1.70 -4.20 -21.82
CA ALA A 124 -2.35 -3.00 -22.35
C ALA A 124 -2.79 -2.02 -21.26
N TYR A 125 -3.22 -2.55 -20.12
CA TYR A 125 -3.55 -1.72 -18.96
C TYR A 125 -2.30 -0.95 -18.47
N VAL A 126 -1.17 -1.65 -18.38
CA VAL A 126 0.09 -0.97 -18.07
C VAL A 126 0.40 0.10 -19.12
N ASP A 127 0.22 -0.24 -20.40
CA ASP A 127 0.47 0.70 -21.49
C ASP A 127 -0.40 1.96 -21.39
N ARG A 128 -1.63 1.78 -20.93
CA ARG A 128 -2.52 2.92 -20.72
C ARG A 128 -2.02 3.80 -19.57
N ILE A 129 -1.51 3.18 -18.50
CA ILE A 129 -0.92 3.95 -17.40
C ILE A 129 0.32 4.69 -17.91
N VAL A 130 1.17 4.00 -18.67
CA VAL A 130 2.37 4.62 -19.20
C VAL A 130 2.03 5.88 -20.01
N ALA A 131 1.02 5.78 -20.87
CA ALA A 131 0.61 6.95 -21.66
C ALA A 131 0.27 8.13 -20.74
N GLU A 132 -0.47 7.88 -19.65
CA GLU A 132 -0.81 8.97 -18.74
C GLU A 132 0.40 9.53 -17.99
N LEU A 133 1.37 8.67 -17.71
CA LEU A 133 2.59 9.09 -17.02
C LEU A 133 3.66 9.62 -17.95
N SER A 134 3.31 9.83 -19.23
CA SER A 134 4.27 10.29 -20.23
C SER A 134 3.89 11.62 -20.88
N THR A 135 2.90 12.30 -20.33
CA THR A 135 2.50 13.60 -20.84
C THR A 135 3.47 14.69 -20.39
N ALA A 136 3.40 15.85 -21.03
CA ALA A 136 4.21 17.00 -20.64
C ALA A 136 3.99 17.38 -19.18
N ASP A 137 2.75 17.33 -18.70
CA ASP A 137 2.49 17.56 -17.28
C ASP A 137 3.14 16.48 -16.38
N ALA A 138 2.99 15.22 -16.76
CA ALA A 138 3.61 14.16 -15.97
C ALA A 138 5.11 14.35 -15.84
N ASP A 139 5.73 14.86 -16.92
CA ASP A 139 7.18 15.05 -16.95
C ASP A 139 7.66 16.07 -15.92
N LYS A 140 6.76 16.95 -15.51
CA LYS A 140 7.08 17.98 -14.51
C LYS A 140 7.10 17.46 -13.07
N LEU A 141 6.54 16.26 -12.87
CA LEU A 141 6.35 15.67 -11.54
C LEU A 141 7.32 14.53 -11.29
N HIS A 142 7.36 14.05 -10.05
CA HIS A 142 8.06 12.82 -9.73
C HIS A 142 7.00 11.84 -9.24
N PHE A 143 7.24 10.55 -9.48
CA PHE A 143 6.30 9.49 -9.08
C PHE A 143 6.99 8.43 -8.20
N SER A 144 6.25 7.97 -7.21
CA SER A 144 6.61 6.79 -6.43
C SER A 144 5.50 5.78 -6.63
N ILE A 145 5.85 4.60 -7.14
CA ILE A 145 4.82 3.65 -7.53
C ILE A 145 5.05 2.30 -6.87
N VAL A 146 4.03 1.83 -6.15
CA VAL A 146 4.02 0.49 -5.54
C VAL A 146 3.45 -0.51 -6.54
N LEU A 147 4.18 -1.60 -6.74
CA LEU A 147 3.79 -2.58 -7.74
C LEU A 147 3.19 -3.82 -7.11
N GLU A 148 1.89 -3.98 -7.34
CA GLU A 148 1.18 -5.25 -7.21
C GLU A 148 1.19 -5.87 -5.80
N PRO A 149 0.44 -5.27 -4.88
CA PRO A 149 0.22 -5.94 -3.60
C PRO A 149 -0.43 -7.33 -3.77
N ASP A 150 -0.22 -8.19 -2.79
CA ASP A 150 -0.83 -9.52 -2.73
C ASP A 150 -0.41 -10.37 -3.93
N SER A 151 0.81 -10.22 -4.41
CA SER A 151 1.23 -10.98 -5.58
C SER A 151 2.31 -12.01 -5.29
N LEU A 152 3.57 -11.58 -5.29
CA LEU A 152 4.69 -12.52 -5.31
C LEU A 152 4.87 -13.37 -4.05
N GLY A 153 4.36 -12.88 -2.92
CA GLY A 153 4.37 -13.66 -1.68
C GLY A 153 3.69 -15.00 -1.88
N ASN A 154 2.71 -15.02 -2.79
CA ASN A 154 1.96 -16.26 -3.05
C ASN A 154 2.81 -17.34 -3.67
N MET A 155 3.83 -16.93 -4.43
CA MET A 155 4.78 -17.86 -5.00
C MET A 155 5.71 -18.43 -3.96
N VAL A 156 5.79 -17.78 -2.80
CA VAL A 156 6.65 -18.27 -1.71
C VAL A 156 5.87 -19.25 -0.84
N THR A 157 4.62 -18.95 -0.50
CA THR A 157 3.91 -19.73 0.52
C THR A 157 2.66 -20.46 0.01
N ASN A 158 2.19 -20.12 -1.18
CA ASN A 158 0.88 -20.62 -1.63
C ASN A 158 0.94 -21.43 -2.93
N MET A 159 2.07 -22.04 -3.20
CA MET A 159 2.20 -22.84 -4.41
C MET A 159 1.46 -24.18 -4.37
N HIS A 160 0.83 -24.50 -3.25
CA HIS A 160 -0.09 -25.65 -3.18
C HIS A 160 -1.48 -25.28 -3.69
N VAL A 161 -1.71 -23.99 -3.94
CA VAL A 161 -3.00 -23.53 -4.42
C VAL A 161 -3.03 -23.57 -5.94
N PRO A 162 -3.96 -24.34 -6.54
CA PRO A 162 -4.02 -24.41 -8.01
C PRO A 162 -3.96 -23.05 -8.72
N LYS A 163 -4.73 -22.07 -8.26
CA LYS A 163 -4.72 -20.76 -8.93
C LYS A 163 -3.34 -20.11 -8.87
N CYS A 164 -2.66 -20.22 -7.73
CA CYS A 164 -1.31 -19.69 -7.63
C CYS A 164 -0.31 -20.44 -8.52
N GLN A 165 -0.41 -21.77 -8.56
CA GLN A 165 0.42 -22.55 -9.48
C GLN A 165 0.28 -22.05 -10.91
N GLY A 166 -0.97 -21.79 -11.30
CA GLY A 166 -1.25 -21.39 -12.68
C GLY A 166 -0.94 -19.93 -12.96
N ALA A 167 -0.74 -19.13 -11.92
CA ALA A 167 -0.48 -17.69 -12.06
C ALA A 167 0.97 -17.28 -11.80
N ALA A 168 1.81 -18.19 -11.31
CA ALA A 168 3.16 -17.83 -10.86
C ALA A 168 3.96 -17.16 -11.96
N THR A 169 4.07 -17.80 -13.11
CA THR A 169 4.82 -17.22 -14.21
C THR A 169 4.20 -15.88 -14.63
N ALA A 170 2.87 -15.81 -14.68
CA ALA A 170 2.18 -14.59 -15.07
C ALA A 170 2.42 -13.42 -14.12
N TYR A 171 2.52 -13.71 -12.82
CA TYR A 171 2.81 -12.65 -11.85
C TYR A 171 4.20 -12.08 -12.07
N LYS A 172 5.16 -12.96 -12.25
CA LYS A 172 6.54 -12.54 -12.50
C LYS A 172 6.66 -11.79 -13.82
N GLU A 173 6.04 -12.31 -14.88
CA GLU A 173 6.10 -11.67 -16.18
C GLU A 173 5.32 -10.36 -16.22
N GLY A 174 4.21 -10.30 -15.50
CA GLY A 174 3.41 -9.08 -15.43
C GLY A 174 4.17 -7.96 -14.74
N ILE A 175 4.65 -8.23 -13.54
CA ILE A 175 5.42 -7.23 -12.79
C ILE A 175 6.68 -6.84 -13.57
N ALA A 176 7.33 -7.82 -14.20
CA ALA A 176 8.51 -7.54 -15.02
C ALA A 176 8.19 -6.54 -16.11
N TYR A 177 7.05 -6.71 -16.77
CA TYR A 177 6.65 -5.77 -17.81
C TYR A 177 6.38 -4.39 -17.21
N THR A 178 5.70 -4.34 -16.07
CA THR A 178 5.43 -3.06 -15.44
C THR A 178 6.73 -2.33 -15.10
N ILE A 179 7.71 -3.04 -14.53
CA ILE A 179 9.01 -2.46 -14.23
C ILE A 179 9.66 -1.97 -15.53
N ALA A 180 9.71 -2.83 -16.53
CA ALA A 180 10.39 -2.50 -17.80
C ALA A 180 9.74 -1.33 -18.54
N SER A 181 8.44 -1.13 -18.30
CA SER A 181 7.68 -0.07 -18.95
C SER A 181 7.73 1.30 -18.30
N LEU A 182 8.28 1.37 -17.08
CA LEU A 182 8.23 2.60 -16.29
C LEU A 182 9.62 3.02 -15.86
N GLN A 183 10.59 2.90 -16.77
CA GLN A 183 11.95 3.36 -16.54
C GLN A 183 12.06 4.78 -17.06
N LYS A 184 12.02 5.72 -16.12
CA LYS A 184 12.10 7.14 -16.44
C LYS A 184 12.82 7.82 -15.29
N PRO A 185 13.55 8.92 -15.56
CA PRO A 185 14.28 9.56 -14.47
C PRO A 185 13.38 10.10 -13.33
N ASN A 186 12.11 10.36 -13.63
CA ASN A 186 11.19 10.91 -12.65
C ASN A 186 10.24 9.88 -12.01
N ILE A 187 10.57 8.59 -12.15
CA ILE A 187 9.76 7.52 -11.57
C ILE A 187 10.64 6.59 -10.73
N ASP A 188 10.23 6.38 -9.46
CA ASP A 188 10.81 5.35 -8.62
C ASP A 188 9.78 4.26 -8.34
N LEU A 189 10.23 3.02 -8.40
CA LEU A 189 9.36 1.85 -8.31
C LEU A 189 9.70 1.03 -7.07
N TYR A 190 8.67 0.61 -6.36
CA TYR A 190 8.82 -0.26 -5.20
C TYR A 190 7.96 -1.48 -5.41
N ILE A 191 8.58 -2.66 -5.45
CA ILE A 191 7.81 -3.89 -5.61
C ILE A 191 7.17 -4.24 -4.26
N ASP A 192 5.88 -4.58 -4.25
CA ASP A 192 5.26 -4.97 -2.98
C ASP A 192 5.94 -6.21 -2.41
N ALA A 193 6.21 -6.20 -1.10
CA ALA A 193 6.86 -7.34 -0.44
C ALA A 193 6.09 -7.77 0.81
N ALA A 194 4.77 -7.68 0.76
CA ALA A 194 3.95 -8.22 1.83
C ALA A 194 4.33 -7.56 3.15
N HIS A 195 4.30 -8.33 4.24
CA HIS A 195 4.52 -7.80 5.57
C HIS A 195 5.23 -8.85 6.39
N GLY A 196 5.73 -8.46 7.58
CA GLY A 196 6.55 -9.38 8.35
C GLY A 196 5.90 -10.68 8.72
N GLY A 197 4.57 -10.66 8.91
CA GLY A 197 3.83 -11.86 9.29
C GLY A 197 3.58 -12.81 8.15
N TRP A 198 3.93 -12.39 6.93
CA TRP A 198 3.80 -13.26 5.77
C TRP A 198 5.18 -13.77 5.37
N LEU A 199 6.05 -12.86 4.95
CA LEU A 199 7.32 -13.26 4.39
C LEU A 199 8.51 -13.16 5.34
N GLY A 200 8.24 -12.78 6.59
CA GLY A 200 9.32 -12.57 7.56
C GLY A 200 9.77 -13.85 8.28
N TRP A 201 8.93 -14.89 8.22
CA TRP A 201 9.28 -16.20 8.79
C TRP A 201 10.57 -16.70 8.20
N ASN A 202 11.38 -17.37 9.01
CA ASN A 202 12.74 -17.71 8.62
C ASN A 202 12.84 -18.35 7.23
N ASP A 203 11.97 -19.32 6.97
CA ASP A 203 12.08 -20.09 5.73
C ASP A 203 11.54 -19.37 4.50
N ASN A 204 10.93 -18.21 4.72
CA ASN A 204 10.37 -17.43 3.62
C ASN A 204 11.30 -16.34 3.11
N LEU A 205 12.33 -16.01 3.88
CA LEU A 205 13.16 -14.84 3.57
C LEU A 205 13.95 -15.02 2.28
N ARG A 206 14.70 -16.10 2.19
CA ARG A 206 15.53 -16.34 1.02
C ARG A 206 14.71 -16.51 -0.28
N PRO A 207 13.68 -17.39 -0.28
CA PRO A 207 12.87 -17.48 -1.52
C PRO A 207 12.21 -16.16 -1.92
N SER A 208 11.85 -15.31 -0.95
CA SER A 208 11.32 -13.99 -1.28
C SER A 208 12.37 -13.15 -1.99
N ALA A 209 13.56 -13.04 -1.40
CA ALA A 209 14.63 -12.27 -2.04
C ALA A 209 14.87 -12.82 -3.45
N GLU A 210 14.90 -14.14 -3.58
CA GLU A 210 15.13 -14.74 -4.88
C GLU A 210 14.07 -14.40 -5.92
N ILE A 211 12.80 -14.36 -5.52
CA ILE A 211 11.75 -14.09 -6.50
C ILE A 211 11.73 -12.60 -6.90
N PHE A 212 12.08 -11.71 -5.98
CA PHE A 212 12.20 -10.30 -6.33
C PHE A 212 13.32 -10.12 -7.36
N LYS A 213 14.45 -10.79 -7.13
CA LYS A 213 15.57 -10.71 -8.06
C LYS A 213 15.23 -11.35 -9.40
N GLU A 214 14.54 -12.48 -9.37
CA GLU A 214 14.12 -13.18 -10.59
C GLU A 214 13.23 -12.27 -11.42
N THR A 215 12.32 -11.56 -10.77
CA THR A 215 11.40 -10.65 -11.46
C THR A 215 12.14 -9.45 -12.06
N LEU A 216 13.08 -8.89 -11.30
CA LEU A 216 13.89 -7.80 -11.82
C LEU A 216 14.71 -8.28 -13.04
N ASP A 217 15.28 -9.48 -12.96
CA ASP A 217 16.05 -10.00 -14.08
C ASP A 217 15.18 -10.17 -15.33
N LEU A 218 13.92 -10.58 -15.16
CA LEU A 218 13.02 -10.69 -16.29
C LEU A 218 12.76 -9.31 -16.88
N ALA A 219 12.61 -8.31 -16.02
CA ALA A 219 12.42 -6.94 -16.48
C ALA A 219 13.59 -6.49 -17.34
N ARG A 220 14.80 -6.90 -16.97
CA ARG A 220 16.01 -6.50 -17.70
C ARG A 220 16.16 -7.18 -19.06
N GLN A 221 15.43 -8.28 -19.27
CA GLN A 221 15.33 -8.92 -20.60
C GLN A 221 14.40 -8.14 -21.53
N ILE A 222 13.62 -7.22 -20.97
CA ILE A 222 12.73 -6.38 -21.78
C ILE A 222 13.37 -5.01 -22.01
N THR A 223 13.75 -4.35 -20.91
CA THR A 223 14.41 -3.06 -20.94
C THR A 223 15.79 -3.21 -20.30
N PRO A 224 16.86 -3.26 -21.12
CA PRO A 224 18.22 -3.58 -20.67
C PRO A 224 18.67 -3.12 -19.28
N ASN A 225 18.63 -1.83 -18.99
CA ASN A 225 19.19 -1.41 -17.70
C ASN A 225 18.14 -1.13 -16.62
N ALA A 226 17.02 -1.83 -16.71
CA ALA A 226 15.88 -1.61 -15.80
C ALA A 226 16.27 -1.78 -14.34
N THR A 227 15.78 -0.86 -13.52
CA THR A 227 15.98 -0.95 -12.08
C THR A 227 14.69 -0.67 -11.32
N VAL A 228 14.70 -1.03 -10.04
CA VAL A 228 13.68 -0.55 -9.10
C VAL A 228 14.40 0.11 -7.95
N ARG A 229 13.66 0.90 -7.19
CA ARG A 229 14.24 1.53 -6.00
C ARG A 229 14.32 0.51 -4.85
N GLY A 230 13.31 -0.36 -4.76
CA GLY A 230 13.29 -1.34 -3.67
C GLY A 230 11.91 -1.95 -3.49
N LEU A 231 11.50 -2.04 -2.23
CA LEU A 231 10.29 -2.76 -1.84
C LEU A 231 9.36 -1.89 -1.03
N ALA A 232 8.06 -2.22 -1.09
CA ALA A 232 7.06 -1.63 -0.21
C ALA A 232 6.51 -2.71 0.71
N ILE A 233 6.45 -2.39 2.00
CA ILE A 233 5.99 -3.37 2.99
C ILE A 233 4.85 -2.86 3.85
N ASN A 234 4.09 -3.80 4.39
CA ASN A 234 2.93 -3.57 5.27
C ASN A 234 1.75 -2.90 4.59
N VAL A 235 1.73 -2.92 3.25
CA VAL A 235 0.66 -2.28 2.49
C VAL A 235 -0.68 -2.89 2.90
N SER A 236 -1.60 -2.02 3.32
CA SER A 236 -2.94 -2.43 3.78
C SER A 236 -2.96 -3.22 5.07
N ASN A 237 -1.83 -3.37 5.74
CA ASN A 237 -1.82 -4.13 6.98
C ASN A 237 -1.69 -3.17 8.17
N TYR A 238 -1.43 -3.72 9.36
CA TYR A 238 -1.57 -2.99 10.61
C TYR A 238 -0.34 -3.12 11.48
N ASN A 239 0.67 -3.85 11.00
CA ASN A 239 1.84 -4.10 11.83
C ASN A 239 2.49 -2.81 12.27
N PRO A 240 2.95 -2.74 13.53
CA PRO A 240 3.64 -1.54 13.99
C PRO A 240 5.01 -1.43 13.33
N TYR A 241 5.55 -0.22 13.30
CA TYR A 241 6.93 -0.04 12.83
C TYR A 241 7.91 -0.57 13.88
N LYS A 242 7.82 0.01 15.08
CA LYS A 242 8.51 -0.54 16.24
C LYS A 242 7.48 -0.88 17.30
N THR A 243 7.42 -2.15 17.66
CA THR A 243 6.43 -2.58 18.63
C THR A 243 6.75 -2.07 20.03
N ARG A 244 5.70 -1.76 20.77
CA ARG A 244 5.86 -1.39 22.17
C ARG A 244 5.71 -2.62 23.04
N ALA A 245 4.80 -3.51 22.64
CA ALA A 245 4.59 -4.77 23.34
C ALA A 245 4.44 -5.91 22.33
N ARG A 246 5.54 -6.62 22.09
CA ARG A 246 5.58 -7.71 21.12
C ARG A 246 4.43 -8.70 21.30
N GLU A 247 3.72 -9.03 20.21
CA GLU A 247 2.50 -9.85 20.32
C GLU A 247 2.85 -11.33 20.35
N ASP A 248 2.07 -12.09 21.10
CA ASP A 248 2.30 -13.53 21.21
C ASP A 248 2.26 -14.26 19.88
N TYR A 249 1.41 -13.79 18.95
CA TYR A 249 1.33 -14.43 17.64
C TYR A 249 2.59 -14.26 16.77
N THR A 250 3.50 -13.38 17.18
CA THR A 250 4.75 -13.14 16.44
C THR A 250 5.88 -14.05 16.90
N GLU A 251 5.59 -14.94 17.84
CA GLU A 251 6.59 -15.88 18.33
C GLU A 251 7.19 -16.70 17.20
N TRP A 252 8.51 -16.76 17.19
CA TRP A 252 9.31 -17.47 16.21
C TRP A 252 9.41 -16.76 14.87
N ASN A 253 8.96 -15.51 14.84
CA ASN A 253 9.15 -14.66 13.67
C ASN A 253 10.01 -13.47 14.08
N ASN A 254 11.13 -13.32 13.41
CA ASN A 254 12.07 -12.23 13.72
C ASN A 254 11.64 -10.88 13.15
N ALA A 255 10.61 -10.91 12.32
CA ALA A 255 10.05 -9.70 11.71
C ALA A 255 8.76 -9.32 12.44
N TYR A 256 8.86 -9.23 13.77
CA TYR A 256 7.71 -9.03 14.66
C TYR A 256 7.17 -7.60 14.67
N ASP A 257 7.92 -6.70 14.03
CA ASP A 257 7.42 -5.39 13.66
C ASP A 257 8.05 -5.08 12.30
N GLU A 258 7.61 -4.02 11.65
CA GLU A 258 8.07 -3.77 10.27
C GLU A 258 9.51 -3.29 10.18
N TRP A 259 9.98 -2.59 11.22
CA TRP A 259 11.37 -2.17 11.29
C TRP A 259 12.27 -3.42 11.36
N ASN A 260 11.86 -4.38 12.18
CA ASN A 260 12.58 -5.65 12.20
C ASN A 260 12.43 -6.48 10.92
N TYR A 261 11.30 -6.35 10.24
CA TYR A 261 11.18 -6.98 8.93
C TYR A 261 12.24 -6.44 7.95
N VAL A 262 12.38 -5.12 7.90
CA VAL A 262 13.44 -4.52 7.09
C VAL A 262 14.81 -5.11 7.45
N LYS A 263 15.11 -5.11 8.74
CA LYS A 263 16.43 -5.54 9.18
C LYS A 263 16.66 -7.03 8.89
N THR A 264 15.60 -7.83 8.98
CA THR A 264 15.72 -9.28 8.76
C THR A 264 15.75 -9.65 7.27
N LEU A 265 15.02 -8.91 6.43
CA LEU A 265 15.00 -9.20 5.00
C LEU A 265 16.21 -8.65 4.25
N THR A 266 16.69 -7.48 4.67
CA THR A 266 17.76 -6.78 3.97
C THR A 266 18.98 -7.65 3.58
N PRO A 267 19.53 -8.45 4.53
CA PRO A 267 20.71 -9.25 4.16
C PRO A 267 20.47 -10.20 2.97
N HIS A 268 19.24 -10.68 2.83
CA HIS A 268 18.91 -11.60 1.77
C HIS A 268 18.81 -10.91 0.42
N LEU A 269 18.23 -9.71 0.44
CA LEU A 269 18.21 -8.85 -0.74
C LEU A 269 19.64 -8.53 -1.19
N GLN A 270 20.47 -8.16 -0.23
CA GLN A 270 21.87 -7.84 -0.52
C GLN A 270 22.58 -9.06 -1.13
N ALA A 271 22.32 -10.25 -0.58
CA ALA A 271 22.97 -11.47 -1.04
C ALA A 271 22.60 -11.84 -2.48
N VAL A 272 21.37 -11.54 -2.89
CA VAL A 272 20.94 -11.84 -4.26
C VAL A 272 21.14 -10.65 -5.22
N GLY A 273 21.52 -9.48 -4.69
CA GLY A 273 21.77 -8.31 -5.55
C GLY A 273 20.50 -7.56 -5.93
N PHE A 274 19.54 -7.55 -5.02
CA PHE A 274 18.32 -6.77 -5.20
C PHE A 274 18.38 -5.54 -4.29
N PRO A 275 17.96 -4.34 -4.79
CA PRO A 275 18.08 -3.15 -3.94
C PRO A 275 17.28 -3.22 -2.64
N ALA A 276 17.95 -2.91 -1.53
CA ALA A 276 17.40 -3.07 -0.20
C ALA A 276 16.96 -1.72 0.38
N GLN A 277 16.13 -1.02 -0.38
CA GLN A 277 15.50 0.20 0.11
C GLN A 277 13.99 -0.04 0.24
N PHE A 278 13.39 0.49 1.30
CA PHE A 278 11.99 0.20 1.60
C PHE A 278 11.16 1.46 1.81
N ILE A 279 9.89 1.39 1.43
CA ILE A 279 8.87 2.27 2.01
C ILE A 279 7.91 1.41 2.80
N VAL A 280 7.40 1.97 3.90
CA VAL A 280 6.64 1.20 4.87
C VAL A 280 5.29 1.86 5.14
N ASP A 281 4.20 1.16 4.86
CA ASP A 281 2.86 1.64 5.18
C ASP A 281 2.67 1.64 6.69
N GLN A 282 2.23 2.76 7.25
CA GLN A 282 1.88 2.83 8.68
C GLN A 282 0.54 3.54 8.87
N GLY A 283 -0.26 3.63 7.81
CA GLY A 283 -1.51 4.35 7.89
C GLY A 283 -2.53 3.80 8.88
N ARG A 284 -2.42 2.53 9.23
CA ARG A 284 -3.36 1.91 10.20
C ARG A 284 -2.60 1.16 11.30
N SER A 285 -1.41 1.63 11.63
CA SER A 285 -0.50 0.95 12.55
C SER A 285 -0.38 1.58 13.95
N GLY A 286 -1.20 2.57 14.27
CA GLY A 286 -1.07 3.29 15.55
C GLY A 286 -1.33 2.47 16.79
N ARG A 287 -2.25 1.53 16.68
CA ARG A 287 -2.67 0.73 17.84
CA ARG A 287 -2.67 0.73 17.84
C ARG A 287 -2.33 -0.75 17.65
N GLU A 288 -1.67 -1.33 18.65
CA GLU A 288 -1.34 -2.74 18.70
C GLU A 288 -2.34 -3.47 19.58
N GLY A 289 -2.23 -4.80 19.63
CA GLY A 289 -3.10 -5.59 20.49
C GLY A 289 -4.55 -5.56 20.04
N ILE A 290 -4.74 -5.41 18.73
CA ILE A 290 -6.08 -5.35 18.14
C ILE A 290 -6.50 -6.65 17.44
N ARG A 291 -5.55 -7.57 17.28
CA ARG A 291 -5.78 -8.86 16.63
C ARG A 291 -5.43 -10.00 17.56
N THR A 292 -6.09 -11.14 17.40
CA THR A 292 -5.71 -12.35 18.12
C THR A 292 -4.86 -13.29 17.25
N GLU A 293 -4.88 -13.07 15.94
CA GLU A 293 -4.11 -13.88 14.99
C GLU A 293 -3.51 -12.94 13.96
N TRP A 294 -2.28 -13.21 13.55
CA TRP A 294 -1.57 -12.31 12.63
C TRP A 294 -2.26 -12.20 11.29
N GLY A 295 -2.93 -13.27 10.88
CA GLY A 295 -3.60 -13.33 9.59
C GLY A 295 -4.92 -12.59 9.49
N GLN A 296 -5.40 -12.04 10.60
CA GLN A 296 -6.59 -11.18 10.56
C GLN A 296 -6.24 -9.86 9.89
N TRP A 297 -7.02 -9.48 8.89
CA TRP A 297 -6.70 -8.32 8.04
C TRP A 297 -7.90 -7.39 7.75
N CYS A 298 -9.12 -7.88 7.91
CA CYS A 298 -10.26 -7.15 7.39
C CYS A 298 -10.90 -6.22 8.43
N ASN A 299 -10.77 -4.91 8.20
CA ASN A 299 -11.37 -3.88 9.04
C ASN A 299 -11.15 -4.10 10.54
N ILE A 300 -9.88 -4.23 10.93
CA ILE A 300 -9.59 -4.58 12.31
C ILE A 300 -10.01 -3.46 13.26
N ARG A 301 -10.90 -3.81 14.19
CA ARG A 301 -11.55 -2.83 15.07
C ARG A 301 -10.52 -2.13 15.99
N ASN A 302 -10.71 -0.82 16.13
CA ASN A 302 -9.88 0.04 16.98
C ASN A 302 -8.51 0.33 16.40
N ALA A 303 -8.28 0.00 15.12
CA ALA A 303 -7.05 0.43 14.47
C ALA A 303 -6.91 1.97 14.58
N GLY A 304 -5.65 2.39 14.69
CA GLY A 304 -5.31 3.81 14.77
C GLY A 304 -4.42 4.25 13.62
N PHE A 305 -4.53 5.52 13.22
CA PHE A 305 -3.52 6.07 12.32
C PHE A 305 -2.16 5.96 12.98
N GLY A 306 -1.16 5.56 12.22
CA GLY A 306 0.18 5.39 12.77
C GLY A 306 1.09 6.57 12.51
N ILE A 307 2.38 6.31 12.61
CA ILE A 307 3.41 7.33 12.35
C ILE A 307 3.08 8.04 11.03
N ARG A 308 3.06 9.37 11.03
CA ARG A 308 2.78 10.08 9.80
C ARG A 308 3.92 9.96 8.78
N PRO A 309 3.57 10.06 7.49
CA PRO A 309 4.56 9.99 6.44
C PRO A 309 5.77 10.88 6.74
N THR A 310 6.96 10.30 6.64
CA THR A 310 8.18 11.00 7.03
C THR A 310 9.42 10.32 6.45
N THR A 311 10.48 11.10 6.27
CA THR A 311 11.81 10.57 5.96
C THR A 311 12.77 10.76 7.14
N ASP A 312 12.26 11.33 8.23
CA ASP A 312 13.09 11.70 9.39
C ASP A 312 13.76 10.47 10.01
N GLN A 313 15.08 10.40 9.90
CA GLN A 313 15.83 9.23 10.39
C GLN A 313 15.80 9.08 11.91
N ALA A 314 15.49 10.15 12.63
CA ALA A 314 15.28 10.04 14.07
C ALA A 314 14.08 9.13 14.39
N ILE A 315 13.17 9.01 13.43
CA ILE A 315 12.01 8.11 13.57
C ILE A 315 12.26 6.82 12.82
N VAL A 316 12.64 6.96 11.55
CA VAL A 316 12.82 5.83 10.66
C VAL A 316 13.94 4.90 11.14
N ASP A 317 15.06 5.48 11.55
CA ASP A 317 16.13 4.71 12.20
C ASP A 317 16.64 3.52 11.37
N SER A 318 16.84 3.75 10.08
CA SER A 318 17.39 2.73 9.17
C SER A 318 17.80 3.33 7.84
N ALA A 319 19.05 3.14 7.46
CA ALA A 319 19.54 3.53 6.13
C ALA A 319 18.79 2.81 5.00
N ASN A 320 18.20 1.66 5.33
CA ASN A 320 17.44 0.87 4.34
C ASN A 320 16.00 1.30 4.17
N VAL A 321 15.52 2.27 4.95
CA VAL A 321 14.14 2.74 4.83
C VAL A 321 14.16 4.15 4.26
N ASP A 322 13.59 4.30 3.07
CA ASP A 322 13.45 5.61 2.43
C ASP A 322 12.44 6.49 3.16
N ALA A 323 11.29 5.92 3.54
CA ALA A 323 10.19 6.69 4.11
C ALA A 323 9.16 5.78 4.71
N ILE A 324 8.51 6.31 5.76
CA ILE A 324 7.22 5.80 6.20
C ILE A 324 6.18 6.54 5.37
N VAL A 325 5.21 5.79 4.86
CA VAL A 325 4.18 6.30 3.96
C VAL A 325 2.82 5.77 4.40
N TRP A 326 1.74 6.31 3.84
CA TRP A 326 0.39 5.79 4.07
C TRP A 326 -0.14 5.31 2.72
N VAL A 327 -0.11 3.99 2.52
CA VAL A 327 -0.48 3.41 1.21
C VAL A 327 -1.96 3.13 1.14
N LYS A 328 -2.46 2.23 1.99
CA LYS A 328 -3.90 1.99 2.08
C LYS A 328 -4.56 3.21 2.75
N PRO A 329 -5.53 3.86 2.11
CA PRO A 329 -6.14 5.04 2.73
C PRO A 329 -7.13 4.63 3.80
N GLY A 330 -6.83 4.99 5.05
CA GLY A 330 -7.69 4.63 6.17
C GLY A 330 -9.09 5.19 6.00
N GLY A 331 -10.09 4.33 6.21
CA GLY A 331 -11.47 4.73 6.00
C GLY A 331 -12.07 4.05 4.79
N GLU A 332 -11.22 3.65 3.85
CA GLU A 332 -11.71 2.86 2.72
C GLU A 332 -11.78 1.42 3.20
N SER A 333 -12.99 0.85 3.16
CA SER A 333 -13.23 -0.48 3.74
C SER A 333 -12.38 -1.56 3.08
N ASP A 334 -12.01 -2.59 3.86
CA ASP A 334 -11.32 -3.76 3.34
C ASP A 334 -12.28 -4.78 2.72
N GLY A 335 -13.56 -4.63 3.00
CA GLY A 335 -14.55 -5.60 2.56
C GLY A 335 -15.79 -5.53 3.40
N THR A 336 -16.89 -6.05 2.86
CA THR A 336 -18.15 -6.01 3.57
C THR A 336 -18.29 -7.15 4.59
N SER A 337 -19.03 -6.84 5.65
CA SER A 337 -19.33 -7.83 6.66
C SER A 337 -20.70 -8.46 6.47
N ASP A 338 -21.42 -8.05 5.43
CA ASP A 338 -22.78 -8.56 5.18
C ASP A 338 -22.69 -9.96 4.59
N VAL A 339 -23.15 -10.96 5.34
CA VAL A 339 -23.08 -12.38 4.96
C VAL A 339 -23.74 -12.68 3.62
N ASN A 340 -24.67 -11.83 3.21
CA ASN A 340 -25.46 -12.05 2.00
C ASN A 340 -24.90 -11.28 0.80
N ALA A 341 -23.85 -10.50 1.00
CA ALA A 341 -23.28 -9.73 -0.10
C ALA A 341 -22.64 -10.68 -1.08
N VAL A 342 -22.73 -10.33 -2.36
CA VAL A 342 -22.14 -11.13 -3.42
C VAL A 342 -20.64 -11.35 -3.20
N ARG A 343 -19.98 -10.31 -2.66
CA ARG A 343 -18.54 -10.37 -2.43
CA ARG A 343 -18.54 -10.34 -2.42
C ARG A 343 -18.17 -10.59 -0.97
N PHE A 344 -19.12 -11.09 -0.18
CA PHE A 344 -18.84 -11.37 1.23
C PHE A 344 -17.61 -12.23 1.43
N ASP A 345 -16.74 -11.76 2.32
CA ASP A 345 -15.53 -12.48 2.70
C ASP A 345 -15.62 -12.77 4.19
N GLU A 346 -15.52 -14.05 4.55
CA GLU A 346 -15.65 -14.46 5.94
C GLU A 346 -14.62 -13.82 6.86
N ASN A 347 -13.48 -13.42 6.30
CA ASN A 347 -12.46 -12.74 7.09
C ASN A 347 -12.97 -11.43 7.65
N CYS A 348 -13.97 -10.84 7.00
CA CYS A 348 -14.53 -9.57 7.42
C CYS A 348 -15.55 -9.69 8.54
N ARG A 349 -15.76 -10.94 9.00
CA ARG A 349 -16.49 -11.15 10.26
C ARG A 349 -15.62 -11.87 11.27
N SER A 350 -14.30 -11.70 11.18
CA SER A 350 -13.38 -12.24 12.17
C SER A 350 -13.71 -11.65 13.54
N PRO A 351 -13.28 -12.34 14.62
CA PRO A 351 -13.50 -11.82 15.96
C PRO A 351 -12.89 -10.43 16.19
N ALA A 352 -11.93 -10.06 15.35
CA ALA A 352 -11.24 -8.77 15.48
C ALA A 352 -11.78 -7.70 14.54
N SER A 353 -12.75 -8.06 13.71
CA SER A 353 -13.23 -7.16 12.65
C SER A 353 -14.32 -6.20 13.16
N HIS A 354 -14.33 -5.00 12.59
CA HIS A 354 -15.32 -3.98 12.88
C HIS A 354 -16.54 -4.22 11.98
N VAL A 355 -17.68 -4.51 12.61
CA VAL A 355 -18.91 -4.89 11.91
C VAL A 355 -20.02 -4.01 12.46
N PRO A 356 -20.94 -3.52 11.59
CA PRO A 356 -21.02 -3.75 10.14
C PRO A 356 -20.08 -2.86 9.33
N ALA A 357 -19.63 -3.39 8.20
CA ALA A 357 -18.68 -2.72 7.33
C ALA A 357 -19.18 -2.76 5.90
N PRO A 358 -18.91 -1.70 5.13
CA PRO A 358 -19.38 -1.65 3.74
C PRO A 358 -18.43 -2.36 2.77
N GLU A 359 -18.85 -2.40 1.51
CA GLU A 359 -18.07 -3.01 0.43
C GLU A 359 -16.64 -2.48 0.36
N ALA A 360 -15.70 -3.33 -0.05
CA ALA A 360 -14.30 -2.94 -0.22
C ALA A 360 -14.18 -1.63 -0.98
N GLY A 361 -13.42 -0.70 -0.40
CA GLY A 361 -13.19 0.60 -1.02
C GLY A 361 -14.20 1.67 -0.65
N GLU A 362 -15.39 1.28 -0.19
CA GLU A 362 -16.41 2.24 0.19
CA GLU A 362 -16.43 2.22 0.21
C GLU A 362 -16.05 2.89 1.53
N TRP A 363 -16.58 4.09 1.76
CA TRP A 363 -16.25 4.86 2.96
C TRP A 363 -16.87 4.26 4.21
N PHE A 364 -16.04 4.11 5.23
CA PHE A 364 -16.42 3.47 6.48
C PHE A 364 -16.19 4.50 7.59
N ASN A 365 -17.16 5.39 7.77
CA ASN A 365 -16.93 6.56 8.62
C ASN A 365 -16.62 6.24 10.08
N GLU A 366 -17.32 5.24 10.62
CA GLU A 366 -17.15 4.82 12.02
C GLU A 366 -15.71 4.34 12.25
N PHE A 367 -15.13 3.74 11.21
CA PHE A 367 -13.78 3.21 11.30
C PHE A 367 -12.76 4.35 11.33
N VAL A 368 -12.99 5.40 10.53
CA VAL A 368 -12.13 6.58 10.54
C VAL A 368 -12.21 7.33 11.87
N VAL A 369 -13.41 7.43 12.43
CA VAL A 369 -13.55 8.02 13.75
C VAL A 369 -12.58 7.35 14.70
N ASN A 370 -12.55 6.02 14.67
CA ASN A 370 -11.65 5.29 15.54
C ASN A 370 -10.18 5.41 15.17
N LEU A 371 -9.88 5.55 13.87
CA LEU A 371 -8.50 5.78 13.43
C LEU A 371 -7.94 7.08 14.02
N VAL A 372 -8.78 8.10 14.07
CA VAL A 372 -8.39 9.38 14.67
C VAL A 372 -8.17 9.22 16.18
N ILE A 373 -9.16 8.66 16.87
CA ILE A 373 -9.12 8.54 18.32
C ILE A 373 -7.94 7.68 18.80
N ASN A 374 -7.63 6.63 18.03
CA ASN A 374 -6.60 5.67 18.38
C ASN A 374 -5.26 5.93 17.70
N ALA A 375 -5.12 7.10 17.09
CA ALA A 375 -3.85 7.43 16.46
C ALA A 375 -2.69 7.44 17.44
N ASN A 376 -1.54 6.94 17.02
CA ASN A 376 -0.32 7.04 17.85
C ASN A 376 0.87 7.26 16.94
N PRO A 377 1.65 8.35 17.17
CA PRO A 377 1.43 9.39 18.20
C PRO A 377 0.09 10.10 18.00
N PRO A 378 -0.45 10.72 19.06
CA PRO A 378 -1.69 11.46 18.84
C PRO A 378 -1.56 12.47 17.70
N LEU A 379 -2.66 12.64 16.97
CA LEU A 379 -2.66 13.63 15.91
C LEU A 379 -2.62 15.04 16.49
N GLU A 380 -1.72 15.85 15.93
CA GLU A 380 -1.69 17.28 16.24
CA GLU A 380 -1.71 17.27 16.25
C GLU A 380 -2.87 17.94 15.54
N PRO A 381 -3.65 18.75 16.26
CA PRO A 381 -4.82 19.40 15.65
C PRO A 381 -4.44 20.54 14.70
N THR A 382 -5.20 20.71 13.63
CA THR A 382 -5.04 21.86 12.75
C THR A 382 -6.24 22.76 12.91
N TYR A 383 -5.96 23.94 13.44
CA TYR A 383 -6.97 24.96 13.67
C TYR A 383 -6.76 26.09 12.67
N ALA A 384 -7.86 26.62 12.16
CA ALA A 384 -7.82 27.75 11.22
C ALA A 384 -7.31 29.03 11.88
#